data_9GLY
#
_entry.id   9GLY
#
_cell.length_a   88.660
_cell.length_b   96.540
_cell.length_c   57.058
_cell.angle_alpha   90.000
_cell.angle_beta   93.380
_cell.angle_gamma   90.000
#
_symmetry.space_group_name_H-M   'C 1 2 1'
#
loop_
_entity.id
_entity.type
_entity.pdbx_description
1 polymer Laccase
2 non-polymer 'COPPER (II) ION'
3 non-polymer 'CALCIUM ION'
4 non-polymer 2-acetamido-2-deoxy-beta-D-glucopyranose
5 non-polymer 'SULFATE ION'
6 non-polymer 1,2-ETHANEDIOL
7 water water
#
_entity_poly.entity_id   1
_entity_poly.type   'polypeptide(L)'
_entity_poly.pdbx_seq_one_letter_code
;AIGPTSDLHIANKNISPDGFNRSAVLVNGTFPGPLITANKGDNFQINVINQLTDPTMLRSTSIHWHGLFQKGTNWADGPA
FVTQCPIAPGHSFLYDFSVPDQAGTFWYHSHLSTQYCDGLRGPLVIYDPNDPHKSLYDVDDESTIITLADWYHTPAPSAQ
AVPTPDSTLINGKGRYSGGPTVPLAVINVEQGKRYRFRLVSISCDPNFTFSIDGHNLTVIEVDGVNHEPLTVDSIQIFAG
QRYSFVLNANQPVDNYWIRALPNVGSTNFDGGINSAILRYKGAPNAEPTTTQSTSSNPLNEANLHPLENPGAPGAPTAGG
ADVNINLALAFSGTSGKFTINGASFTPPTVPVLLQILSGAQTAQDLLPSGSVYTLPPNKVIEISIPGGAVGGPHPFHLHG
HAFDVVRSAGSSTYNYVNPVRRDVVSIGAAGDNVTIRFTTDNPGPWFLHCHIDWHLEAGLAIVFAEDPADVASANPPPEA
WDQLCPIYDALPPEQL
;
_entity_poly.pdbx_strand_id   A
#
# COMPACT_ATOMS: atom_id res chain seq x y z
N ALA A 1 15.62 12.37 3.94
CA ALA A 1 14.23 12.46 4.36
C ALA A 1 13.73 13.90 4.26
N ILE A 2 12.41 14.06 4.09
CA ILE A 2 11.75 15.35 4.04
C ILE A 2 10.60 15.36 5.03
N GLY A 3 10.17 16.56 5.41
CA GLY A 3 9.19 16.72 6.46
C GLY A 3 7.78 16.79 5.92
N PRO A 4 6.81 17.15 6.78
CA PRO A 4 5.39 17.14 6.36
C PRO A 4 5.00 18.28 5.46
N THR A 5 5.79 19.35 5.38
CA THR A 5 5.62 20.37 4.35
C THR A 5 6.68 20.09 3.30
N SER A 6 6.25 19.78 2.08
CA SER A 6 7.22 19.44 1.06
C SER A 6 6.68 19.83 -0.30
N ASP A 7 7.63 19.95 -1.23
CA ASP A 7 7.45 20.32 -2.63
C ASP A 7 7.92 19.13 -3.45
N LEU A 8 6.98 18.36 -3.98
CA LEU A 8 7.29 17.12 -4.68
C LEU A 8 7.17 17.35 -6.18
N HIS A 9 8.27 17.23 -6.90
CA HIS A 9 8.25 17.35 -8.35
C HIS A 9 8.13 15.97 -8.96
N ILE A 10 7.07 15.77 -9.75
CA ILE A 10 6.85 14.52 -10.44
C ILE A 10 7.32 14.68 -11.88
N ALA A 11 8.33 13.92 -12.29
CA ALA A 11 8.88 14.10 -13.62
C ALA A 11 9.44 12.79 -14.12
N ASN A 12 9.66 12.72 -15.43
CA ASN A 12 10.26 11.54 -16.01
C ASN A 12 11.78 11.61 -15.89
N LYS A 13 12.38 10.44 -15.73
CA LYS A 13 13.84 10.30 -15.64
C LYS A 13 14.21 8.92 -16.13
N ASN A 14 15.32 8.84 -16.88
CA ASN A 14 15.90 7.54 -17.22
C ASN A 14 16.71 7.04 -16.02
N ILE A 15 16.36 5.86 -15.52
CA ILE A 15 17.06 5.24 -14.42
C ILE A 15 17.32 3.77 -14.74
N SER A 16 18.29 3.19 -14.03
CA SER A 16 18.67 1.79 -14.21
C SER A 16 18.85 1.13 -12.84
N PRO A 17 17.77 0.96 -12.08
CA PRO A 17 17.92 0.47 -10.70
C PRO A 17 18.40 -0.97 -10.65
N ASP A 18 18.13 -1.76 -11.69
CA ASP A 18 18.61 -3.13 -11.80
C ASP A 18 19.58 -3.27 -12.98
N GLY A 19 20.10 -2.16 -13.50
CA GLY A 19 21.03 -2.19 -14.61
C GLY A 19 20.41 -2.02 -15.98
N PHE A 20 19.08 -2.08 -16.09
CA PHE A 20 18.39 -1.83 -17.35
C PHE A 20 17.87 -0.39 -17.37
N ASN A 21 18.23 0.36 -18.41
CA ASN A 21 17.90 1.78 -18.53
C ASN A 21 16.46 1.90 -19.05
N ARG A 22 15.59 2.54 -18.28
CA ARG A 22 14.24 2.81 -18.73
C ARG A 22 13.79 4.17 -18.23
N SER A 23 12.87 4.79 -18.96
CA SER A 23 12.22 6.00 -18.48
C SER A 23 11.20 5.63 -17.42
N ALA A 24 11.11 6.44 -16.37
CA ALA A 24 10.23 6.19 -15.24
C ALA A 24 9.47 7.45 -14.88
N VAL A 25 8.45 7.30 -14.02
CA VAL A 25 7.72 8.40 -13.41
C VAL A 25 8.21 8.49 -11.97
N LEU A 26 8.93 9.55 -11.61
CA LEU A 26 9.61 9.58 -10.32
C LEU A 26 9.28 10.85 -9.53
N VAL A 27 9.42 10.73 -8.21
CA VAL A 27 9.37 11.87 -7.30
C VAL A 27 10.80 12.34 -7.09
N ASN A 28 11.10 13.54 -7.56
CA ASN A 28 12.40 14.17 -7.35
C ASN A 28 13.55 13.25 -7.74
N GLY A 29 13.36 12.56 -8.86
CA GLY A 29 14.41 11.85 -9.56
C GLY A 29 14.94 10.60 -8.91
N THR A 30 14.24 10.02 -7.94
CA THR A 30 14.75 8.84 -7.26
C THR A 30 13.70 7.74 -7.25
N PHE A 31 14.18 6.50 -7.27
CA PHE A 31 13.33 5.38 -6.94
C PHE A 31 13.90 4.62 -5.76
N PRO A 32 13.10 4.38 -4.72
CA PRO A 32 11.75 4.91 -4.49
C PRO A 32 11.80 6.42 -4.30
N GLY A 33 10.63 7.05 -4.22
CA GLY A 33 10.54 8.45 -3.88
C GLY A 33 11.11 8.70 -2.51
N PRO A 34 11.37 9.96 -2.19
CA PRO A 34 11.98 10.29 -0.90
C PRO A 34 11.08 9.87 0.26
N LEU A 35 11.74 9.56 1.39
CA LEU A 35 10.99 9.30 2.62
C LEU A 35 10.38 10.60 3.13
N ILE A 36 9.06 10.61 3.30
CA ILE A 36 8.34 11.69 3.96
C ILE A 36 8.16 11.33 5.42
N THR A 37 8.51 12.25 6.31
CA THR A 37 8.40 11.99 7.73
C THR A 37 7.60 13.08 8.42
N ALA A 38 7.08 12.73 9.59
CA ALA A 38 6.27 13.64 10.40
C ALA A 38 6.21 13.07 11.81
N ASN A 39 5.66 13.86 12.71
CA ASN A 39 5.34 13.40 14.05
C ASN A 39 3.83 13.31 14.21
N LYS A 40 3.40 12.44 15.13
CA LYS A 40 1.98 12.29 15.42
C LYS A 40 1.34 13.65 15.66
N GLY A 41 0.22 13.89 14.98
CA GLY A 41 -0.51 15.12 15.10
C GLY A 41 -0.14 16.20 14.09
N ASP A 42 0.91 15.99 13.29
CA ASP A 42 1.34 17.03 12.36
C ASP A 42 0.30 17.26 11.26
N ASN A 43 0.36 18.46 10.69
CA ASN A 43 -0.37 18.84 9.50
C ASN A 43 0.55 18.67 8.30
N PHE A 44 0.06 18.01 7.26
CA PHE A 44 0.78 17.83 6.01
C PHE A 44 0.36 18.89 5.01
N GLN A 45 1.34 19.48 4.34
CA GLN A 45 1.11 20.36 3.20
C GLN A 45 2.07 19.89 2.12
N ILE A 46 1.58 19.00 1.26
CA ILE A 46 2.39 18.38 0.22
C ILE A 46 1.97 18.97 -1.10
N ASN A 47 2.82 19.82 -1.65
CA ASN A 47 2.57 20.46 -2.93
C ASN A 47 3.13 19.57 -4.02
N VAL A 48 2.25 19.08 -4.90
CA VAL A 48 2.62 18.10 -5.92
C VAL A 48 2.67 18.82 -7.27
N ILE A 49 3.85 18.85 -7.86
CA ILE A 49 4.14 19.60 -9.09
C ILE A 49 4.26 18.59 -10.21
N ASN A 50 3.40 18.69 -11.21
CA ASN A 50 3.40 17.72 -12.31
C ASN A 50 4.25 18.27 -13.46
N GLN A 51 5.46 17.74 -13.60
CA GLN A 51 6.36 18.06 -14.71
C GLN A 51 6.48 16.92 -15.70
N LEU A 52 5.49 16.05 -15.79
CA LEU A 52 5.61 14.88 -16.67
C LEU A 52 5.52 15.26 -18.14
N THR A 53 6.36 14.62 -18.95
CA THR A 53 6.47 14.93 -20.37
C THR A 53 6.50 13.73 -21.29
N ASP A 54 6.78 12.53 -20.77
CA ASP A 54 7.05 11.37 -21.61
C ASP A 54 5.74 10.69 -21.99
N PRO A 55 5.37 10.67 -23.28
CA PRO A 55 4.06 10.12 -23.66
C PRO A 55 3.99 8.60 -23.62
N THR A 56 5.09 7.91 -23.28
CA THR A 56 4.99 6.45 -23.16
C THR A 56 4.38 6.01 -21.83
N MET A 57 4.29 6.91 -20.85
CA MET A 57 3.49 6.62 -19.68
C MET A 57 2.52 7.78 -19.46
N LEU A 58 1.61 7.61 -18.50
CA LEU A 58 0.63 8.66 -18.26
C LEU A 58 1.32 9.92 -17.76
N ARG A 59 0.80 11.07 -18.19
CA ARG A 59 1.40 12.36 -17.87
C ARG A 59 0.56 13.20 -16.92
N SER A 60 -0.69 12.81 -16.66
CA SER A 60 -1.37 13.36 -15.49
C SER A 60 -0.95 12.57 -14.27
N THR A 61 -1.37 13.01 -13.08
CA THR A 61 -1.01 12.27 -11.87
C THR A 61 -1.95 12.61 -10.73
N SER A 62 -1.96 11.73 -9.73
CA SER A 62 -2.70 11.91 -8.50
C SER A 62 -2.02 11.03 -7.46
N ILE A 63 -1.85 11.53 -6.25
CA ILE A 63 -1.08 10.78 -5.25
C ILE A 63 -1.96 10.45 -4.05
N HIS A 64 -1.95 9.18 -3.65
CA HIS A 64 -2.65 8.68 -2.47
C HIS A 64 -1.64 8.48 -1.34
N TRP A 65 -2.07 8.84 -0.12
CA TRP A 65 -1.27 8.73 1.10
C TRP A 65 -1.81 7.49 1.81
N HIS A 66 -1.18 6.35 1.55
CA HIS A 66 -1.78 5.06 1.84
C HIS A 66 -1.87 4.84 3.33
N GLY A 67 -3.08 4.59 3.83
CA GLY A 67 -3.30 4.27 5.22
C GLY A 67 -3.72 5.46 6.07
N LEU A 68 -3.61 6.68 5.56
CA LEU A 68 -4.00 7.86 6.32
C LEU A 68 -5.49 8.08 6.16
N PHE A 69 -6.18 8.35 7.27
CA PHE A 69 -7.64 8.31 7.26
C PHE A 69 -8.28 9.49 6.52
N GLN A 70 -7.64 10.66 6.49
CA GLN A 70 -8.16 11.82 5.75
C GLN A 70 -9.54 12.25 6.26
N LYS A 71 -9.80 12.14 7.57
CA LYS A 71 -11.09 12.57 8.10
C LYS A 71 -11.24 14.07 7.90
N GLY A 72 -12.31 14.46 7.22
CA GLY A 72 -12.54 15.86 6.91
C GLY A 72 -11.79 16.36 5.69
N THR A 73 -10.93 15.55 5.10
CA THR A 73 -10.18 15.91 3.89
C THR A 73 -10.23 14.78 2.87
N ASN A 74 -11.41 14.16 2.71
CA ASN A 74 -11.58 13.14 1.66
C ASN A 74 -11.02 13.60 0.32
N TRP A 75 -11.16 14.89 0.02
CA TRP A 75 -10.72 15.45 -1.26
C TRP A 75 -9.21 15.32 -1.47
N ALA A 76 -8.45 15.06 -0.40
CA ALA A 76 -7.00 14.93 -0.48
C ALA A 76 -6.54 13.47 -0.48
N ASP A 77 -7.46 12.51 -0.57
CA ASP A 77 -7.09 11.10 -0.43
C ASP A 77 -6.31 10.60 -1.64
N GLY A 78 -6.56 11.16 -2.84
CA GLY A 78 -5.76 10.81 -4.00
C GLY A 78 -6.27 9.85 -5.09
N PRO A 79 -7.22 8.93 -4.82
CA PRO A 79 -7.58 8.01 -5.92
C PRO A 79 -8.30 8.73 -7.05
N ALA A 80 -7.72 8.63 -8.25
CA ALA A 80 -8.26 9.34 -9.40
C ALA A 80 -9.66 8.86 -9.71
N PHE A 81 -10.54 9.81 -9.97
CA PHE A 81 -11.93 9.61 -10.33
C PHE A 81 -12.74 9.02 -9.18
N VAL A 82 -12.15 8.91 -7.99
CA VAL A 82 -12.89 8.64 -6.77
C VAL A 82 -12.94 9.88 -5.90
N THR A 83 -11.78 10.48 -5.58
CA THR A 83 -11.76 11.71 -4.79
C THR A 83 -11.27 12.95 -5.53
N GLN A 84 -10.75 12.81 -6.75
CA GLN A 84 -10.32 13.98 -7.51
C GLN A 84 -10.18 13.60 -8.96
N CYS A 85 -10.21 14.61 -9.84
CA CYS A 85 -9.66 14.42 -11.16
C CYS A 85 -8.14 14.52 -11.06
N PRO A 86 -7.42 13.91 -11.99
CA PRO A 86 -5.96 13.98 -11.96
C PRO A 86 -5.45 15.41 -12.11
N ILE A 87 -4.27 15.62 -11.55
CA ILE A 87 -3.48 16.84 -11.80
C ILE A 87 -2.97 16.78 -13.24
N ALA A 88 -3.28 17.81 -14.03
CA ALA A 88 -2.95 17.82 -15.43
C ALA A 88 -1.46 18.09 -15.62
N PRO A 89 -0.90 17.66 -16.75
CA PRO A 89 0.52 17.98 -17.03
C PRO A 89 0.80 19.47 -16.91
N GLY A 90 1.85 19.82 -16.18
CA GLY A 90 2.22 21.20 -15.98
C GLY A 90 1.62 21.84 -14.75
N HIS A 91 0.53 21.30 -14.22
CA HIS A 91 -0.20 21.91 -13.12
C HIS A 91 0.27 21.35 -11.77
N SER A 92 -0.21 21.97 -10.70
CA SER A 92 0.17 21.66 -9.33
C SER A 92 -1.09 21.46 -8.50
N PHE A 93 -0.94 20.74 -7.39
CA PHE A 93 -2.04 20.65 -6.44
C PHE A 93 -1.48 20.43 -5.04
N LEU A 94 -2.02 21.18 -4.07
CA LEU A 94 -1.59 21.11 -2.68
C LEU A 94 -2.49 20.14 -1.91
N TYR A 95 -1.92 19.04 -1.47
CA TYR A 95 -2.59 18.11 -0.56
C TYR A 95 -2.38 18.63 0.85
N ASP A 96 -3.46 19.08 1.49
CA ASP A 96 -3.40 19.80 2.76
C ASP A 96 -4.27 19.03 3.76
N PHE A 97 -3.63 18.27 4.67
CA PHE A 97 -4.40 17.42 5.57
C PHE A 97 -3.66 17.23 6.88
N SER A 98 -4.34 16.61 7.84
CA SER A 98 -3.77 16.39 9.16
C SER A 98 -3.91 14.93 9.56
N VAL A 99 -3.06 14.55 10.51
CA VAL A 99 -3.04 13.17 10.99
C VAL A 99 -3.10 13.25 12.52
N PRO A 100 -4.27 13.54 13.10
CA PRO A 100 -4.32 13.80 14.55
C PRO A 100 -4.06 12.57 15.39
N ASP A 101 -4.36 11.38 14.87
CA ASP A 101 -4.61 10.18 15.64
C ASP A 101 -3.89 8.96 15.07
N GLN A 102 -2.87 9.16 14.25
CA GLN A 102 -2.16 8.05 13.63
C GLN A 102 -0.66 8.22 13.77
N ALA A 103 0.03 7.11 13.94
CA ALA A 103 1.49 7.08 13.98
C ALA A 103 1.91 5.68 13.60
N GLY A 104 2.87 5.57 12.71
CA GLY A 104 3.28 4.28 12.19
C GLY A 104 3.88 4.42 10.82
N THR A 105 3.85 3.31 10.10
CA THR A 105 4.55 3.15 8.83
C THR A 105 3.52 3.13 7.71
N PHE A 106 3.68 4.05 6.75
CA PHE A 106 2.75 4.24 5.64
C PHE A 106 3.59 4.38 4.37
N TRP A 107 2.92 4.75 3.28
CA TRP A 107 3.62 5.01 2.04
C TRP A 107 2.69 5.86 1.18
N TYR A 108 3.23 6.36 0.09
CA TYR A 108 2.46 7.17 -0.85
C TYR A 108 2.74 6.67 -2.26
N HIS A 109 1.77 6.83 -3.14
CA HIS A 109 1.94 6.31 -4.48
C HIS A 109 0.94 6.96 -5.42
N SER A 110 1.30 7.00 -6.69
CA SER A 110 0.31 7.41 -7.68
C SER A 110 -0.93 6.54 -7.54
N HIS A 111 -2.09 7.16 -7.73
CA HIS A 111 -3.35 6.43 -7.73
C HIS A 111 -4.15 6.75 -8.98
N LEU A 112 -3.42 6.89 -10.09
CA LEU A 112 -4.01 7.06 -11.43
C LEU A 112 -3.63 5.83 -12.23
N SER A 113 -4.63 5.04 -12.64
CA SER A 113 -4.38 3.84 -13.43
C SER A 113 -3.24 3.05 -12.82
N THR A 114 -2.31 2.58 -13.65
CA THR A 114 -1.17 1.78 -13.18
C THR A 114 0.12 2.60 -13.09
N GLN A 115 0.01 3.92 -12.95
CA GLN A 115 1.18 4.78 -12.97
C GLN A 115 2.15 4.49 -11.83
N TYR A 116 1.68 4.05 -10.64
CA TYR A 116 2.67 3.93 -9.57
C TYR A 116 3.66 2.81 -9.86
N CYS A 117 3.29 1.86 -10.72
CA CYS A 117 4.23 0.85 -11.17
C CYS A 117 5.42 1.49 -11.91
N ASP A 118 5.20 2.60 -12.60
CA ASP A 118 6.26 3.26 -13.34
C ASP A 118 7.22 4.03 -12.45
N GLY A 119 6.98 4.07 -11.15
CA GLY A 119 7.98 4.59 -10.23
C GLY A 119 7.50 5.54 -9.16
N LEU A 120 6.25 6.00 -9.23
CA LEU A 120 5.77 7.01 -8.29
C LEU A 120 5.25 6.32 -7.03
N ARG A 121 6.20 6.00 -6.14
CA ARG A 121 5.90 5.33 -4.89
C ARG A 121 7.06 5.57 -3.96
N GLY A 122 6.75 5.77 -2.69
CA GLY A 122 7.78 5.96 -1.67
C GLY A 122 7.21 5.78 -0.28
N PRO A 123 8.09 5.70 0.71
CA PRO A 123 7.66 5.47 2.10
C PRO A 123 7.31 6.77 2.82
N LEU A 124 6.46 6.63 3.84
CA LEU A 124 5.98 7.74 4.64
C LEU A 124 5.87 7.27 6.08
N VAL A 125 6.59 7.91 7.01
CA VAL A 125 6.63 7.46 8.38
C VAL A 125 6.19 8.59 9.30
N ILE A 126 5.25 8.29 10.20
CA ILE A 126 4.79 9.21 11.23
C ILE A 126 5.27 8.66 12.55
N TYR A 127 6.22 9.37 13.17
CA TYR A 127 6.85 8.95 14.41
C TYR A 127 5.99 9.35 15.59
N ASP A 128 6.11 8.59 16.68
CA ASP A 128 5.35 8.83 17.90
C ASP A 128 6.34 9.17 18.99
N PRO A 129 6.38 10.42 19.48
CA PRO A 129 7.29 10.76 20.58
C PRO A 129 7.09 9.89 21.82
N ASN A 130 5.88 9.38 22.02
CA ASN A 130 5.54 8.52 23.13
C ASN A 130 5.31 7.08 22.68
N ASP A 131 6.03 6.63 21.66
CA ASP A 131 5.81 5.30 21.08
C ASP A 131 5.83 4.24 22.17
N PRO A 132 4.76 3.46 22.34
CA PRO A 132 4.76 2.46 23.43
C PRO A 132 5.80 1.38 23.26
N HIS A 133 6.35 1.19 22.07
CA HIS A 133 7.36 0.17 21.81
C HIS A 133 8.79 0.71 21.84
N LYS A 134 8.94 2.01 22.15
CA LYS A 134 10.24 2.67 22.04
C LYS A 134 11.31 1.98 22.87
N SER A 135 10.94 1.31 23.95
CA SER A 135 11.94 0.64 24.78
C SER A 135 12.48 -0.63 24.13
N LEU A 136 11.89 -1.10 23.03
CA LEU A 136 12.36 -2.31 22.37
C LEU A 136 13.50 -2.07 21.39
N TYR A 137 13.86 -0.81 21.09
CA TYR A 137 14.89 -0.61 20.09
C TYR A 137 15.70 0.64 20.41
N ASP A 138 16.85 0.72 19.75
CA ASP A 138 17.78 1.83 19.88
C ASP A 138 17.77 2.75 18.67
N VAL A 139 17.51 2.22 17.49
CA VAL A 139 17.67 2.97 16.24
C VAL A 139 16.38 2.87 15.45
N ASP A 140 15.89 4.02 14.99
CA ASP A 140 14.68 4.09 14.18
C ASP A 140 14.77 5.39 13.39
N ASP A 141 15.20 5.31 12.13
CA ASP A 141 15.40 6.51 11.32
C ASP A 141 15.36 6.10 9.85
N GLU A 142 15.82 7.00 8.96
CA GLU A 142 15.73 6.70 7.54
C GLU A 142 16.51 5.44 7.18
N SER A 143 17.59 5.17 7.90
CA SER A 143 18.42 3.99 7.64
C SER A 143 17.75 2.68 8.03
N THR A 144 16.61 2.70 8.75
CA THR A 144 15.92 1.47 9.09
C THR A 144 14.66 1.26 8.26
N ILE A 145 14.45 2.06 7.22
CA ILE A 145 13.39 1.81 6.26
C ILE A 145 13.82 0.70 5.31
N ILE A 146 12.95 -0.28 5.06
CA ILE A 146 13.21 -1.31 4.06
C ILE A 146 12.03 -1.32 3.10
N THR A 147 12.22 -0.80 1.88
CA THR A 147 11.18 -0.91 0.86
C THR A 147 11.41 -2.14 -0.01
N LEU A 148 10.32 -2.86 -0.27
CA LEU A 148 10.31 -3.98 -1.21
C LEU A 148 9.46 -3.56 -2.40
N ALA A 149 10.06 -3.60 -3.59
CA ALA A 149 9.37 -3.17 -4.80
C ALA A 149 9.53 -4.22 -5.91
N ASP A 150 8.46 -4.45 -6.65
CA ASP A 150 8.61 -5.08 -7.95
C ASP A 150 9.00 -4.02 -8.97
N TRP A 151 9.73 -4.44 -10.00
CA TRP A 151 10.19 -3.50 -11.02
C TRP A 151 10.04 -4.14 -12.39
N TYR A 152 9.62 -3.31 -13.36
CA TYR A 152 9.30 -3.76 -14.70
C TYR A 152 10.15 -3.00 -15.71
N HIS A 153 10.50 -3.67 -16.81
CA HIS A 153 11.35 -3.02 -17.80
C HIS A 153 10.55 -2.30 -18.87
N THR A 154 9.25 -2.55 -18.96
CA THR A 154 8.35 -1.97 -19.93
C THR A 154 7.43 -0.98 -19.22
N PRO A 155 7.05 0.12 -19.86
CA PRO A 155 6.16 1.09 -19.22
C PRO A 155 4.80 0.47 -18.92
N ALA A 156 4.19 0.92 -17.82
CA ALA A 156 2.93 0.35 -17.37
C ALA A 156 1.82 0.34 -18.42
N PRO A 157 1.62 1.40 -19.23
CA PRO A 157 0.51 1.36 -20.21
C PRO A 157 0.70 0.29 -21.28
N SER A 158 1.90 -0.25 -21.44
CA SER A 158 2.19 -1.31 -22.40
C SER A 158 1.99 -2.69 -21.81
N ALA A 159 1.26 -2.80 -20.70
CA ALA A 159 1.20 -4.03 -19.93
C ALA A 159 0.64 -5.19 -20.75
N GLN A 160 1.34 -6.32 -20.69
CA GLN A 160 0.78 -7.58 -21.12
C GLN A 160 -0.47 -7.90 -20.31
N ALA A 161 -1.27 -8.83 -20.82
CA ALA A 161 -2.51 -9.20 -20.12
C ALA A 161 -2.23 -9.56 -18.67
N VAL A 162 -1.20 -10.37 -18.44
CA VAL A 162 -0.77 -10.72 -17.08
C VAL A 162 0.69 -10.31 -16.97
N PRO A 163 0.98 -9.09 -16.51
CA PRO A 163 2.38 -8.67 -16.37
C PRO A 163 3.10 -9.51 -15.32
N THR A 164 4.42 -9.62 -15.50
CA THR A 164 5.29 -10.33 -14.57
C THR A 164 6.49 -9.43 -14.29
N PRO A 165 6.88 -9.25 -13.02
CA PRO A 165 8.00 -8.34 -12.74
C PRO A 165 9.31 -8.88 -13.28
N ASP A 166 10.20 -7.94 -13.61
CA ASP A 166 11.54 -8.28 -14.04
C ASP A 166 12.51 -8.40 -12.89
N SER A 167 12.32 -7.64 -11.82
CA SER A 167 13.25 -7.72 -10.70
C SER A 167 12.53 -7.34 -9.42
N THR A 168 13.21 -7.63 -8.31
CA THR A 168 12.84 -7.15 -6.99
C THR A 168 13.86 -6.10 -6.57
N LEU A 169 13.38 -4.94 -6.18
CA LEU A 169 14.25 -3.87 -5.71
C LEU A 169 14.04 -3.71 -4.21
N ILE A 170 15.12 -3.86 -3.45
CA ILE A 170 15.13 -3.62 -2.02
C ILE A 170 15.88 -2.32 -1.80
N ASN A 171 15.22 -1.34 -1.19
CA ASN A 171 15.76 0.01 -1.05
C ASN A 171 16.30 0.53 -2.38
N GLY A 172 15.58 0.21 -3.47
CA GLY A 172 15.87 0.70 -4.80
C GLY A 172 16.92 -0.06 -5.59
N LYS A 173 17.46 -1.16 -5.06
CA LYS A 173 18.52 -1.89 -5.75
C LYS A 173 18.18 -3.37 -5.85
N GLY A 174 18.59 -3.98 -6.95
CA GLY A 174 18.35 -5.39 -7.15
C GLY A 174 18.77 -5.79 -8.54
N ARG A 175 18.67 -7.09 -8.81
CA ARG A 175 19.12 -7.64 -10.09
C ARG A 175 17.97 -8.36 -10.79
N TYR A 176 18.09 -8.47 -12.11
CA TYR A 176 17.17 -9.31 -12.88
C TYR A 176 17.91 -10.53 -13.40
N SER A 177 17.16 -11.62 -13.60
CA SER A 177 17.76 -12.87 -14.03
C SER A 177 18.36 -12.70 -15.42
N GLY A 178 19.64 -13.04 -15.54
CA GLY A 178 20.36 -12.81 -16.77
C GLY A 178 20.89 -11.40 -16.93
N GLY A 179 20.69 -10.53 -15.94
CA GLY A 179 21.12 -9.16 -16.06
C GLY A 179 22.45 -8.88 -15.39
N PRO A 180 22.91 -7.63 -15.45
CA PRO A 180 24.21 -7.29 -14.85
C PRO A 180 24.17 -7.45 -13.33
N THR A 181 25.33 -7.79 -12.77
CA THR A 181 25.44 -7.99 -11.33
C THR A 181 25.73 -6.65 -10.65
N VAL A 182 24.71 -5.79 -10.66
CA VAL A 182 24.79 -4.47 -10.05
C VAL A 182 24.88 -4.61 -8.53
N PRO A 183 25.39 -3.62 -7.82
CA PRO A 183 25.53 -3.74 -6.36
C PRO A 183 24.17 -3.89 -5.68
N LEU A 184 24.12 -4.80 -4.73
CA LEU A 184 22.90 -4.99 -3.96
C LEU A 184 22.81 -3.96 -2.84
N ALA A 185 21.58 -3.75 -2.37
CA ALA A 185 21.37 -2.89 -1.21
C ALA A 185 22.10 -3.46 0.00
N VAL A 186 22.67 -2.56 0.81
CA VAL A 186 23.34 -2.92 2.05
C VAL A 186 22.66 -2.18 3.19
N ILE A 187 22.29 -2.93 4.23
CA ILE A 187 21.75 -2.36 5.46
C ILE A 187 22.79 -2.60 6.55
N ASN A 188 23.28 -1.50 7.13
CA ASN A 188 24.38 -1.55 8.10
C ASN A 188 23.84 -1.57 9.52
N VAL A 189 24.33 -2.52 10.33
CA VAL A 189 23.97 -2.58 11.75
C VAL A 189 25.25 -2.70 12.57
N GLU A 190 25.15 -2.28 13.82
CA GLU A 190 26.23 -2.41 14.80
C GLU A 190 25.85 -3.50 15.80
N GLN A 191 26.75 -4.46 15.98
CA GLN A 191 26.50 -5.56 16.92
C GLN A 191 26.13 -5.03 18.29
N GLY A 192 25.12 -5.65 18.89
CA GLY A 192 24.62 -5.25 20.19
C GLY A 192 23.54 -4.20 20.18
N LYS A 193 23.22 -3.66 19.00
CA LYS A 193 22.19 -2.64 18.88
C LYS A 193 20.89 -3.27 18.40
N ARG A 194 19.78 -2.56 18.68
CA ARG A 194 18.43 -3.02 18.39
C ARG A 194 17.76 -2.04 17.43
N TYR A 195 17.22 -2.54 16.33
CA TYR A 195 16.75 -1.71 15.22
C TYR A 195 15.26 -1.91 15.03
N ARG A 196 14.54 -0.80 14.88
CA ARG A 196 13.16 -0.87 14.41
C ARG A 196 13.20 -0.76 12.89
N PHE A 197 13.11 -1.89 12.21
CA PHE A 197 13.06 -1.88 10.77
C PHE A 197 11.62 -1.74 10.31
N ARG A 198 11.40 -0.80 9.42
CA ARG A 198 10.06 -0.50 8.92
C ARG A 198 9.98 -1.08 7.52
N LEU A 199 9.35 -2.26 7.41
CA LEU A 199 9.25 -3.02 6.18
C LEU A 199 8.04 -2.53 5.40
N VAL A 200 8.26 -1.96 4.22
CA VAL A 200 7.17 -1.36 3.44
C VAL A 200 7.08 -2.08 2.11
N SER A 201 5.95 -2.73 1.85
CA SER A 201 5.71 -3.25 0.50
C SER A 201 5.16 -2.13 -0.38
N ILE A 202 5.95 -1.69 -1.37
CA ILE A 202 5.43 -0.76 -2.37
C ILE A 202 5.19 -1.49 -3.68
N SER A 203 4.82 -2.77 -3.56
CA SER A 203 4.64 -3.62 -4.73
C SER A 203 3.39 -3.26 -5.51
N CYS A 204 3.48 -3.38 -6.84
CA CYS A 204 2.29 -3.38 -7.70
C CYS A 204 1.65 -4.75 -7.85
N ASP A 205 2.32 -5.83 -7.41
CA ASP A 205 1.71 -7.13 -7.68
C ASP A 205 2.25 -8.18 -6.70
N PRO A 206 3.51 -8.65 -6.76
CA PRO A 206 3.88 -9.83 -5.97
C PRO A 206 3.79 -9.60 -4.47
N ASN A 207 3.48 -10.67 -3.75
CA ASN A 207 3.79 -10.68 -2.33
C ASN A 207 5.21 -11.21 -2.14
N PHE A 208 5.83 -10.83 -1.04
CA PHE A 208 7.19 -11.22 -0.79
C PHE A 208 7.26 -12.02 0.50
N THR A 209 8.03 -13.10 0.47
CA THR A 209 8.34 -13.86 1.66
C THR A 209 9.70 -13.37 2.15
N PHE A 210 9.68 -12.61 3.23
CA PHE A 210 10.82 -11.83 3.67
C PHE A 210 11.50 -12.51 4.84
N SER A 211 12.83 -12.59 4.80
CA SER A 211 13.57 -13.19 5.89
C SER A 211 15.00 -12.67 5.86
N ILE A 212 15.72 -12.88 6.96
CA ILE A 212 17.11 -12.46 7.08
C ILE A 212 17.87 -13.62 7.70
N ASP A 213 18.86 -14.15 6.97
CA ASP A 213 19.58 -15.32 7.46
C ASP A 213 20.10 -15.09 8.87
N GLY A 214 19.86 -16.09 9.74
CA GLY A 214 20.36 -16.10 11.10
C GLY A 214 19.67 -15.18 12.09
N HIS A 215 18.59 -14.50 11.70
CA HIS A 215 17.99 -13.51 12.57
C HIS A 215 16.49 -13.74 12.65
C HIS A 215 16.49 -13.74 12.65
N ASN A 216 15.95 -13.70 13.87
CA ASN A 216 14.51 -13.63 14.08
C ASN A 216 14.07 -12.18 14.00
N LEU A 217 12.77 -11.99 13.76
CA LEU A 217 12.16 -10.70 13.52
C LEU A 217 11.01 -10.55 14.50
N THR A 218 11.00 -9.47 15.29
CA THR A 218 9.92 -9.27 16.27
C THR A 218 8.97 -8.19 15.76
N VAL A 219 7.80 -8.64 15.27
CA VAL A 219 6.82 -7.74 14.67
C VAL A 219 6.13 -6.95 15.77
N ILE A 220 6.05 -5.63 15.61
CA ILE A 220 5.49 -4.76 16.65
C ILE A 220 4.43 -3.83 16.08
N GLU A 221 4.32 -3.79 14.76
CA GLU A 221 3.41 -2.85 14.10
C GLU A 221 2.95 -3.46 12.80
N VAL A 222 1.68 -3.25 12.46
CA VAL A 222 1.01 -3.83 11.29
C VAL A 222 0.22 -2.72 10.61
N ASP A 223 0.58 -2.40 9.37
CA ASP A 223 -0.12 -1.37 8.58
C ASP A 223 -0.46 -0.13 9.42
N GLY A 224 0.54 0.40 10.14
CA GLY A 224 0.35 1.63 10.90
C GLY A 224 -0.16 1.46 12.32
N VAL A 225 -0.50 0.24 12.72
CA VAL A 225 -1.19 -0.02 13.98
C VAL A 225 -0.26 -0.81 14.92
N ASN A 226 -0.09 -0.32 16.15
CA ASN A 226 0.70 -1.05 17.13
C ASN A 226 0.06 -2.40 17.48
N HIS A 227 0.87 -3.44 17.54
CA HIS A 227 0.44 -4.77 17.91
C HIS A 227 1.36 -5.31 18.99
N GLU A 228 0.90 -6.36 19.68
CA GLU A 228 1.73 -6.98 20.70
C GLU A 228 2.92 -7.64 20.01
N PRO A 229 4.11 -7.57 20.60
CA PRO A 229 5.28 -8.09 19.92
C PRO A 229 5.13 -9.57 19.63
N LEU A 230 5.53 -9.96 18.42
CA LEU A 230 5.40 -11.34 17.95
C LEU A 230 6.66 -11.68 17.17
N THR A 231 7.44 -12.65 17.67
CA THR A 231 8.70 -13.01 17.04
C THR A 231 8.49 -14.12 16.02
N VAL A 232 9.05 -13.93 14.83
CA VAL A 232 8.89 -14.85 13.70
C VAL A 232 10.22 -14.96 12.99
N ASP A 233 10.34 -15.96 12.11
CA ASP A 233 11.55 -16.05 11.31
C ASP A 233 11.32 -15.75 9.83
N SER A 234 10.09 -15.44 9.44
CA SER A 234 9.80 -15.04 8.06
C SER A 234 8.49 -14.27 8.04
N ILE A 235 8.36 -13.33 7.11
CA ILE A 235 7.15 -12.52 6.95
C ILE A 235 6.72 -12.54 5.49
N GLN A 236 5.52 -13.06 5.22
CA GLN A 236 4.94 -12.93 3.88
C GLN A 236 4.15 -11.63 3.85
N ILE A 237 4.60 -10.68 3.04
CA ILE A 237 4.05 -9.33 3.02
C ILE A 237 3.41 -9.06 1.65
N PHE A 238 2.15 -8.68 1.66
CA PHE A 238 1.39 -8.48 0.44
C PHE A 238 1.44 -7.01 0.02
N ALA A 239 1.07 -6.77 -1.23
CA ALA A 239 1.20 -5.44 -1.84
C ALA A 239 0.56 -4.36 -0.99
N GLY A 240 1.37 -3.38 -0.56
CA GLY A 240 0.86 -2.26 0.21
C GLY A 240 0.81 -2.46 1.70
N GLN A 241 1.09 -3.67 2.21
CA GLN A 241 1.18 -3.88 3.66
C GLN A 241 2.48 -3.32 4.21
N ARG A 242 2.49 -3.09 5.53
CA ARG A 242 3.69 -2.63 6.23
C ARG A 242 3.81 -3.37 7.54
N TYR A 243 5.03 -3.69 7.93
CA TYR A 243 5.31 -4.24 9.25
C TYR A 243 6.50 -3.50 9.81
N SER A 244 6.46 -3.13 11.10
CA SER A 244 7.69 -2.81 11.80
C SER A 244 8.15 -4.08 12.52
N PHE A 245 9.43 -4.41 12.38
CA PHE A 245 9.97 -5.51 13.17
C PHE A 245 11.25 -5.05 13.83
N VAL A 246 11.47 -5.53 15.04
CA VAL A 246 12.70 -5.24 15.75
C VAL A 246 13.69 -6.35 15.43
N LEU A 247 14.88 -5.95 15.02
CA LEU A 247 15.97 -6.90 14.83
C LEU A 247 17.03 -6.57 15.89
N ASN A 248 17.38 -7.57 16.68
CA ASN A 248 18.47 -7.46 17.64
C ASN A 248 19.73 -7.96 16.93
N ALA A 249 20.72 -7.08 16.78
CA ALA A 249 21.93 -7.42 16.03
C ALA A 249 22.87 -8.20 16.94
N ASN A 250 22.42 -9.40 17.31
CA ASN A 250 23.07 -10.21 18.32
C ASN A 250 23.86 -11.38 17.74
N GLN A 251 24.05 -11.42 16.43
CA GLN A 251 24.75 -12.50 15.75
C GLN A 251 26.21 -12.12 15.55
N PRO A 252 27.05 -13.06 15.13
CA PRO A 252 28.45 -12.72 14.86
C PRO A 252 28.57 -11.65 13.79
N VAL A 253 29.60 -10.83 13.91
CA VAL A 253 29.90 -9.80 12.92
C VAL A 253 30.18 -10.46 11.57
N ASP A 254 29.29 -10.26 10.62
CA ASP A 254 29.34 -10.94 9.33
C ASP A 254 28.38 -10.24 8.38
N ASN A 255 28.32 -10.74 7.14
CA ASN A 255 27.31 -10.36 6.17
C ASN A 255 26.24 -11.44 6.10
N TYR A 256 24.97 -11.04 6.15
CA TYR A 256 23.85 -11.97 6.14
C TYR A 256 22.92 -11.64 4.99
N TRP A 257 22.44 -12.67 4.29
CA TRP A 257 21.49 -12.44 3.21
C TRP A 257 20.14 -11.96 3.75
N ILE A 258 19.66 -10.86 3.19
CA ILE A 258 18.27 -10.45 3.30
C ILE A 258 17.55 -10.99 2.07
N ARG A 259 16.42 -11.68 2.29
CA ARG A 259 15.74 -12.39 1.22
C ARG A 259 14.32 -11.85 1.09
N ALA A 260 13.91 -11.58 -0.14
CA ALA A 260 12.54 -11.14 -0.45
C ALA A 260 12.07 -11.94 -1.65
N LEU A 261 11.46 -13.10 -1.40
CA LEU A 261 11.09 -14.03 -2.47
C LEU A 261 9.69 -13.70 -3.00
N PRO A 262 9.54 -13.29 -4.25
CA PRO A 262 8.22 -13.00 -4.79
C PRO A 262 7.47 -14.28 -5.10
N ASN A 263 6.14 -14.15 -5.18
CA ASN A 263 5.32 -15.31 -5.58
C ASN A 263 5.22 -15.45 -7.09
N VAL A 264 5.53 -14.41 -7.84
CA VAL A 264 5.53 -14.42 -9.30
C VAL A 264 6.86 -13.83 -9.78
N GLY A 265 7.24 -14.21 -11.00
CA GLY A 265 8.53 -13.81 -11.53
C GLY A 265 9.54 -14.91 -11.32
N SER A 266 10.80 -14.56 -11.10
CA SER A 266 11.84 -15.54 -10.83
C SER A 266 11.77 -15.90 -9.35
N THR A 267 11.38 -17.14 -9.04
CA THR A 267 11.11 -17.57 -7.67
C THR A 267 12.29 -18.38 -7.10
N ASN A 268 13.46 -17.76 -7.13
CA ASN A 268 14.67 -18.32 -6.55
C ASN A 268 15.60 -17.14 -6.22
N PHE A 269 16.83 -17.44 -5.80
CA PHE A 269 17.81 -16.41 -5.45
C PHE A 269 19.07 -16.47 -6.32
N ASP A 270 19.01 -17.18 -7.45
CA ASP A 270 20.18 -17.38 -8.30
C ASP A 270 20.84 -16.06 -8.69
N GLY A 271 22.15 -15.98 -8.50
CA GLY A 271 22.88 -14.80 -8.90
C GLY A 271 22.60 -13.57 -8.09
N GLY A 272 21.99 -13.71 -6.91
CA GLY A 272 21.69 -12.58 -6.06
C GLY A 272 20.39 -11.87 -6.35
N ILE A 273 19.52 -12.43 -7.18
CA ILE A 273 18.20 -11.80 -7.36
C ILE A 273 17.38 -11.94 -6.08
N ASN A 274 16.42 -11.04 -5.91
CA ASN A 274 15.50 -11.05 -4.77
C ASN A 274 16.25 -10.98 -3.44
N SER A 275 17.38 -10.27 -3.41
CA SER A 275 18.29 -10.31 -2.27
C SER A 275 18.83 -8.93 -1.94
N ALA A 276 19.19 -8.75 -0.66
CA ALA A 276 19.97 -7.61 -0.19
C ALA A 276 20.94 -8.14 0.88
N ILE A 277 21.68 -7.23 1.49
CA ILE A 277 22.77 -7.61 2.40
C ILE A 277 22.59 -6.89 3.72
N LEU A 278 22.58 -7.65 4.82
CA LEU A 278 22.67 -7.10 6.17
C LEU A 278 24.14 -7.19 6.58
N ARG A 279 24.78 -6.03 6.74
CA ARG A 279 26.22 -5.97 7.04
C ARG A 279 26.41 -5.46 8.46
N TYR A 280 27.03 -6.28 9.31
CA TYR A 280 27.48 -5.82 10.61
C TYR A 280 28.72 -4.96 10.45
N LYS A 281 28.76 -3.87 11.21
CA LYS A 281 29.98 -3.11 11.33
C LYS A 281 31.19 -3.97 11.66
N GLY A 282 32.22 -3.84 10.82
CA GLY A 282 33.41 -4.63 10.95
C GLY A 282 33.47 -5.82 10.02
N ALA A 283 32.36 -6.16 9.36
CA ALA A 283 32.35 -7.25 8.41
C ALA A 283 32.98 -6.80 7.09
N PRO A 284 33.52 -7.73 6.30
CA PRO A 284 34.17 -7.33 5.05
C PRO A 284 33.16 -6.79 4.05
N ASN A 285 33.66 -5.94 3.14
CA ASN A 285 32.84 -5.47 2.02
C ASN A 285 32.76 -6.61 1.01
N ALA A 286 31.78 -7.49 1.25
CA ALA A 286 31.61 -8.69 0.44
C ALA A 286 30.16 -9.13 0.55
N GLU A 287 29.78 -9.97 -0.38
CA GLU A 287 28.43 -10.52 -0.32
C GLU A 287 28.38 -11.66 0.69
N PRO A 288 27.20 -11.91 1.28
CA PRO A 288 27.09 -13.00 2.26
C PRO A 288 27.33 -14.37 1.62
N THR A 289 27.71 -15.31 2.48
CA THR A 289 27.74 -16.73 2.14
C THR A 289 26.84 -17.53 3.07
N THR A 290 25.97 -16.86 3.81
CA THR A 290 25.05 -17.53 4.71
C THR A 290 24.02 -18.35 3.93
N THR A 291 23.40 -19.30 4.61
CA THR A 291 22.37 -20.11 3.98
C THR A 291 21.06 -19.95 4.73
N GLN A 292 19.97 -20.22 4.03
CA GLN A 292 18.63 -20.13 4.59
C GLN A 292 18.27 -21.44 5.29
N SER A 293 17.82 -21.34 6.53
CA SER A 293 17.19 -22.47 7.19
C SER A 293 15.68 -22.39 6.97
N THR A 294 15.05 -23.56 6.90
CA THR A 294 13.63 -23.61 6.65
C THR A 294 12.87 -22.83 7.71
N SER A 295 11.93 -22.00 7.28
CA SER A 295 11.06 -21.29 8.21
C SER A 295 10.24 -22.28 9.02
N SER A 296 10.50 -22.33 10.32
CA SER A 296 9.66 -23.10 11.23
C SER A 296 8.69 -22.22 12.01
N ASN A 297 8.81 -20.91 11.90
CA ASN A 297 7.98 -19.97 12.66
C ASN A 297 7.57 -18.79 11.77
N PRO A 298 6.87 -19.04 10.67
CA PRO A 298 6.43 -17.93 9.81
C PRO A 298 5.33 -17.12 10.47
N LEU A 299 5.33 -15.82 10.16
CA LEU A 299 4.23 -14.96 10.59
C LEU A 299 2.90 -15.52 10.13
N ASN A 300 1.96 -15.63 11.07
CA ASN A 300 0.57 -15.90 10.78
C ASN A 300 -0.24 -14.73 11.31
N GLU A 301 -1.01 -14.11 10.43
CA GLU A 301 -1.92 -13.03 10.82
C GLU A 301 -2.80 -13.39 12.01
N ALA A 302 -3.17 -14.67 12.16
CA ALA A 302 -4.02 -15.07 13.28
C ALA A 302 -3.36 -14.83 14.64
N ASN A 303 -2.04 -14.67 14.70
CA ASN A 303 -1.33 -14.47 15.96
C ASN A 303 -1.06 -13.01 16.28
N LEU A 304 -1.48 -12.08 15.42
CA LEU A 304 -1.27 -10.65 15.66
C LEU A 304 -2.45 -10.07 16.42
N HIS A 305 -2.15 -9.32 17.48
CA HIS A 305 -3.16 -8.76 18.36
C HIS A 305 -2.87 -7.29 18.63
N PRO A 306 -3.85 -6.41 18.43
CA PRO A 306 -3.61 -4.97 18.60
C PRO A 306 -3.21 -4.63 20.02
N LEU A 307 -2.27 -3.69 20.12
CA LEU A 307 -1.77 -3.27 21.42
C LEU A 307 -2.76 -2.37 22.15
N GLU A 308 -3.52 -1.57 21.40
CA GLU A 308 -4.47 -0.63 21.96
C GLU A 308 -5.88 -1.01 21.56
N ASN A 309 -6.79 -1.00 22.54
CA ASN A 309 -8.20 -1.27 22.31
C ASN A 309 -8.45 -2.53 21.47
N PRO A 310 -7.89 -3.68 21.84
CA PRO A 310 -8.13 -4.87 21.05
C PRO A 310 -9.59 -5.27 21.13
N GLY A 311 -10.08 -5.83 20.03
CA GLY A 311 -11.47 -6.24 19.95
C GLY A 311 -12.14 -5.65 18.72
N ALA A 312 -12.83 -6.50 17.97
CA ALA A 312 -13.59 -6.06 16.82
C ALA A 312 -14.82 -5.28 17.26
N PRO A 313 -15.24 -4.29 16.48
CA PRO A 313 -16.48 -3.58 16.79
C PRO A 313 -17.70 -4.45 16.51
N GLY A 314 -18.80 -4.10 17.16
CA GLY A 314 -20.04 -4.83 17.01
C GLY A 314 -20.12 -6.07 17.89
N ALA A 315 -21.22 -6.78 17.72
CA ALA A 315 -21.48 -7.98 18.51
C ALA A 315 -20.61 -9.14 18.03
N PRO A 316 -20.04 -9.93 18.94
CA PRO A 316 -19.09 -10.99 18.55
C PRO A 316 -19.79 -12.26 18.04
N THR A 317 -20.60 -12.08 16.99
CA THR A 317 -21.24 -13.19 16.30
C THR A 317 -21.25 -12.89 14.82
N ALA A 318 -21.26 -13.95 14.00
CA ALA A 318 -21.18 -13.78 12.56
C ALA A 318 -22.41 -13.06 12.02
N GLY A 319 -22.20 -12.19 11.03
CA GLY A 319 -23.28 -11.36 10.54
C GLY A 319 -23.95 -10.50 11.60
N GLY A 320 -23.31 -10.33 12.75
CA GLY A 320 -23.86 -9.54 13.83
C GLY A 320 -23.38 -8.10 13.80
N ALA A 321 -23.09 -7.61 12.61
CA ALA A 321 -22.83 -6.19 12.42
C ALA A 321 -24.14 -5.50 12.03
N ASP A 322 -24.10 -4.16 12.01
CA ASP A 322 -25.28 -3.42 11.57
C ASP A 322 -25.53 -3.61 10.09
N VAL A 323 -24.46 -3.69 9.30
CA VAL A 323 -24.52 -3.82 7.85
C VAL A 323 -23.59 -4.96 7.48
N ASN A 324 -24.09 -5.90 6.68
CA ASN A 324 -23.34 -7.09 6.30
C ASN A 324 -23.33 -7.19 4.78
N ILE A 325 -22.13 -7.19 4.21
CA ILE A 325 -21.97 -7.17 2.76
C ILE A 325 -21.01 -8.27 2.37
N ASN A 326 -21.42 -9.12 1.42
CA ASN A 326 -20.58 -10.17 0.87
C ASN A 326 -20.19 -9.81 -0.56
N LEU A 327 -18.90 -9.90 -0.88
CA LEU A 327 -18.40 -9.52 -2.20
C LEU A 327 -18.01 -10.76 -3.00
N ALA A 328 -18.75 -11.04 -4.08
CA ALA A 328 -18.48 -12.19 -4.94
C ALA A 328 -17.62 -11.75 -6.12
N LEU A 329 -16.41 -12.30 -6.22
CA LEU A 329 -15.48 -11.92 -7.27
C LEU A 329 -15.55 -12.87 -8.45
N ALA A 330 -15.45 -12.31 -9.66
CA ALA A 330 -15.34 -13.12 -10.85
C ALA A 330 -14.37 -12.47 -11.84
N PHE A 331 -13.98 -13.26 -12.83
CA PHE A 331 -13.07 -12.82 -13.87
C PHE A 331 -13.56 -13.40 -15.18
N SER A 332 -13.63 -12.56 -16.21
CA SER A 332 -13.98 -12.99 -17.55
C SER A 332 -12.71 -13.25 -18.35
N GLY A 333 -12.51 -14.51 -18.76
CA GLY A 333 -11.37 -14.82 -19.58
C GLY A 333 -11.41 -14.16 -20.94
N THR A 334 -12.61 -13.91 -21.47
CA THR A 334 -12.71 -13.29 -22.78
C THR A 334 -12.45 -11.80 -22.73
N SER A 335 -13.06 -11.09 -21.77
CA SER A 335 -12.86 -9.66 -21.68
C SER A 335 -11.61 -9.26 -20.89
N GLY A 336 -11.11 -10.16 -20.06
CA GLY A 336 -10.00 -9.82 -19.18
C GLY A 336 -10.35 -8.92 -18.02
N LYS A 337 -11.63 -8.77 -17.71
CA LYS A 337 -12.09 -7.87 -16.65
C LYS A 337 -12.55 -8.62 -15.41
N PHE A 338 -12.25 -8.05 -14.25
CA PHE A 338 -12.79 -8.52 -12.98
C PHE A 338 -14.14 -7.90 -12.70
N THR A 339 -14.97 -8.63 -11.96
CA THR A 339 -16.25 -8.11 -11.50
C THR A 339 -16.41 -8.37 -10.01
N ILE A 340 -17.15 -7.49 -9.35
CA ILE A 340 -17.57 -7.66 -7.96
C ILE A 340 -19.07 -7.60 -7.92
N ASN A 341 -19.71 -8.71 -7.55
CA ASN A 341 -21.16 -8.84 -7.62
C ASN A 341 -21.71 -8.43 -8.99
N GLY A 342 -20.97 -8.78 -10.04
CA GLY A 342 -21.39 -8.51 -11.41
C GLY A 342 -20.91 -7.20 -12.00
N ALA A 343 -20.30 -6.31 -11.23
CA ALA A 343 -19.91 -5.00 -11.72
C ALA A 343 -18.40 -4.90 -11.79
N SER A 344 -17.88 -4.47 -12.94
CA SER A 344 -16.46 -4.15 -13.10
C SER A 344 -16.27 -2.65 -12.86
N PHE A 345 -15.33 -2.29 -12.00
CA PHE A 345 -15.07 -0.87 -11.77
C PHE A 345 -14.39 -0.25 -12.98
N THR A 346 -15.04 0.74 -13.56
CA THR A 346 -14.42 1.58 -14.57
C THR A 346 -14.44 3.01 -14.05
N PRO A 347 -13.34 3.74 -14.11
CA PRO A 347 -13.33 5.08 -13.52
C PRO A 347 -14.39 5.95 -14.15
N PRO A 348 -15.21 6.62 -13.34
CA PRO A 348 -16.22 7.53 -13.88
C PRO A 348 -15.57 8.84 -14.34
N THR A 349 -16.22 9.50 -15.30
CA THR A 349 -15.68 10.77 -15.79
C THR A 349 -15.77 11.86 -14.74
N VAL A 350 -16.87 11.88 -13.99
CA VAL A 350 -17.00 12.78 -12.84
C VAL A 350 -16.56 12.01 -11.60
N PRO A 351 -15.56 12.46 -10.86
CA PRO A 351 -15.11 11.69 -9.69
C PRO A 351 -16.25 11.48 -8.70
N VAL A 352 -16.21 10.33 -8.02
CA VAL A 352 -17.32 9.98 -7.11
C VAL A 352 -17.57 11.11 -6.11
N LEU A 353 -16.50 11.67 -5.54
CA LEU A 353 -16.69 12.77 -4.60
C LEU A 353 -17.44 13.94 -5.24
N LEU A 354 -17.09 14.31 -6.47
CA LEU A 354 -17.74 15.43 -7.13
C LEU A 354 -19.20 15.12 -7.43
N GLN A 355 -19.48 13.87 -7.82
CA GLN A 355 -20.86 13.43 -8.00
C GLN A 355 -21.68 13.69 -6.75
N ILE A 356 -21.12 13.32 -5.59
CA ILE A 356 -21.84 13.50 -4.34
C ILE A 356 -22.03 14.97 -4.02
N LEU A 357 -20.96 15.76 -4.20
CA LEU A 357 -21.06 17.21 -3.98
C LEU A 357 -22.10 17.82 -4.90
N SER A 358 -22.35 17.19 -6.06
CA SER A 358 -23.32 17.65 -7.03
C SER A 358 -24.71 17.12 -6.79
N GLY A 359 -24.92 16.35 -5.72
CA GLY A 359 -26.23 15.87 -5.36
C GLY A 359 -26.49 14.38 -5.53
N ALA A 360 -25.53 13.61 -6.07
CA ALA A 360 -25.73 12.18 -6.22
C ALA A 360 -25.48 11.51 -4.88
N GLN A 361 -26.55 11.06 -4.22
CA GLN A 361 -26.44 10.60 -2.84
C GLN A 361 -26.97 9.19 -2.64
N THR A 362 -27.26 8.47 -3.72
CA THR A 362 -27.82 7.13 -3.66
C THR A 362 -27.02 6.19 -4.54
N ALA A 363 -26.96 4.92 -4.15
CA ALA A 363 -26.24 3.93 -4.95
C ALA A 363 -26.78 3.89 -6.38
N GLN A 364 -28.08 4.09 -6.54
CA GLN A 364 -28.69 4.06 -7.87
C GLN A 364 -28.18 5.19 -8.76
N ASP A 365 -27.84 6.33 -8.16
CA ASP A 365 -27.48 7.54 -8.88
C ASP A 365 -25.98 7.77 -8.98
C ASP A 365 -25.98 7.75 -9.00
N LEU A 366 -25.17 6.94 -8.33
N LEU A 366 -25.17 6.94 -8.32
CA LEU A 366 -23.72 7.11 -8.31
C LEU A 366 -23.06 6.19 -9.33
N LEU A 367 -22.07 6.74 -10.07
CA LEU A 367 -21.33 6.09 -11.13
C LEU A 367 -19.94 5.71 -10.64
N PRO A 368 -19.40 4.57 -11.12
CA PRO A 368 -20.00 3.66 -12.10
C PRO A 368 -21.11 2.80 -11.51
N SER A 369 -22.16 2.60 -12.31
CA SER A 369 -23.35 1.90 -11.85
C SER A 369 -23.02 0.48 -11.39
N GLY A 370 -23.44 0.16 -10.16
CA GLY A 370 -23.21 -1.15 -9.59
C GLY A 370 -21.96 -1.26 -8.77
N SER A 371 -21.08 -0.25 -8.83
CA SER A 371 -19.82 -0.29 -8.09
C SER A 371 -19.81 0.57 -6.84
N VAL A 372 -20.85 1.37 -6.60
CA VAL A 372 -20.86 2.31 -5.49
C VAL A 372 -21.91 1.88 -4.48
N TYR A 373 -21.48 1.64 -3.25
CA TYR A 373 -22.29 1.17 -2.13
C TYR A 373 -22.38 2.29 -1.09
N THR A 374 -23.60 2.69 -0.72
CA THR A 374 -23.76 3.69 0.34
C THR A 374 -23.74 3.02 1.70
N LEU A 375 -23.14 3.70 2.68
CA LEU A 375 -23.11 3.19 4.03
C LEU A 375 -23.67 4.24 4.99
N PRO A 376 -24.41 3.81 6.01
CA PRO A 376 -24.88 4.74 7.03
C PRO A 376 -23.80 5.07 8.04
N PRO A 377 -23.87 6.24 8.67
CA PRO A 377 -22.82 6.66 9.60
C PRO A 377 -22.97 6.03 10.98
N ASN A 378 -21.83 5.93 11.68
CA ASN A 378 -21.78 5.49 13.07
C ASN A 378 -22.41 4.11 13.25
N LYS A 379 -22.06 3.19 12.35
CA LYS A 379 -22.55 1.83 12.38
C LYS A 379 -21.38 0.88 12.16
N VAL A 380 -21.59 -0.37 12.53
CA VAL A 380 -20.58 -1.43 12.38
C VAL A 380 -20.83 -2.15 11.06
N ILE A 381 -19.82 -2.21 10.21
CA ILE A 381 -19.89 -2.82 8.88
C ILE A 381 -19.07 -4.10 8.89
N GLU A 382 -19.64 -5.17 8.37
CA GLU A 382 -18.89 -6.42 8.21
C GLU A 382 -18.87 -6.74 6.72
N ILE A 383 -17.67 -6.96 6.19
CA ILE A 383 -17.48 -7.28 4.78
C ILE A 383 -16.78 -8.63 4.67
N SER A 384 -17.35 -9.53 3.88
CA SER A 384 -16.74 -10.80 3.55
C SER A 384 -16.32 -10.79 2.09
N ILE A 385 -15.14 -11.33 1.80
CA ILE A 385 -14.64 -11.38 0.43
C ILE A 385 -14.05 -12.77 0.17
N PRO A 386 -14.87 -13.76 -0.19
CA PRO A 386 -14.34 -15.12 -0.36
C PRO A 386 -13.36 -15.18 -1.51
N GLY A 387 -12.25 -15.89 -1.27
CA GLY A 387 -11.21 -16.00 -2.27
C GLY A 387 -11.54 -17.03 -3.34
N GLY A 388 -10.66 -17.08 -4.34
CA GLY A 388 -10.82 -18.04 -5.40
C GLY A 388 -10.67 -17.50 -6.81
N ALA A 389 -11.10 -16.26 -7.04
CA ALA A 389 -10.97 -15.70 -8.37
C ALA A 389 -9.51 -15.69 -8.82
N VAL A 390 -9.31 -15.91 -10.12
CA VAL A 390 -7.94 -16.03 -10.66
C VAL A 390 -7.10 -14.79 -10.32
N GLY A 391 -5.79 -14.99 -10.30
CA GLY A 391 -4.86 -13.93 -9.99
C GLY A 391 -4.49 -13.81 -8.53
N GLY A 392 -5.00 -14.69 -7.66
CA GLY A 392 -4.79 -14.56 -6.24
C GLY A 392 -3.40 -14.97 -5.82
N PRO A 393 -3.10 -14.74 -4.53
CA PRO A 393 -3.98 -14.18 -3.49
C PRO A 393 -4.14 -12.66 -3.59
N HIS A 394 -5.39 -12.18 -3.59
CA HIS A 394 -5.67 -10.75 -3.78
C HIS A 394 -5.58 -10.02 -2.45
N PRO A 395 -4.69 -9.04 -2.32
CA PRO A 395 -4.66 -8.22 -1.10
C PRO A 395 -5.60 -7.04 -1.18
N PHE A 396 -6.75 -7.11 -0.49
CA PHE A 396 -7.72 -6.02 -0.56
C PHE A 396 -7.39 -4.92 0.42
N HIS A 397 -7.61 -3.68 -0.02
CA HIS A 397 -7.26 -2.48 0.70
C HIS A 397 -8.48 -1.59 0.84
N LEU A 398 -8.75 -1.08 2.04
CA LEU A 398 -9.84 -0.16 2.30
C LEU A 398 -9.27 1.22 2.61
N HIS A 399 -9.71 2.23 1.88
CA HIS A 399 -9.30 3.60 2.19
C HIS A 399 -10.10 4.13 3.39
N GLY A 400 -9.55 5.15 4.05
CA GLY A 400 -10.28 5.90 5.06
C GLY A 400 -10.42 5.23 6.42
N HIS A 401 -9.93 4.01 6.59
CA HIS A 401 -10.23 3.20 7.76
C HIS A 401 -9.14 2.16 7.95
N ALA A 402 -8.91 1.78 9.20
CA ALA A 402 -8.32 0.50 9.49
C ALA A 402 -9.46 -0.44 9.85
N PHE A 403 -9.30 -1.73 9.56
CA PHE A 403 -10.34 -2.70 9.86
C PHE A 403 -9.79 -3.82 10.72
N ASP A 404 -10.69 -4.53 11.40
CA ASP A 404 -10.35 -5.71 12.17
C ASP A 404 -10.66 -6.96 11.35
N VAL A 405 -9.67 -7.84 11.21
CA VAL A 405 -9.80 -9.04 10.38
C VAL A 405 -10.32 -10.14 11.31
N VAL A 406 -11.64 -10.24 11.42
CA VAL A 406 -12.21 -11.25 12.31
C VAL A 406 -12.03 -12.67 11.80
N ARG A 407 -11.83 -12.84 10.49
CA ARG A 407 -11.49 -14.15 9.94
C ARG A 407 -10.45 -13.95 8.85
N SER A 408 -9.27 -14.56 9.03
CA SER A 408 -8.13 -14.45 8.13
C SER A 408 -8.07 -15.62 7.16
N ALA A 409 -7.20 -15.49 6.17
CA ALA A 409 -7.02 -16.56 5.18
C ALA A 409 -6.41 -17.79 5.84
N GLY A 410 -6.83 -18.96 5.37
CA GLY A 410 -6.31 -20.21 5.88
C GLY A 410 -6.87 -20.64 7.22
N SER A 411 -7.92 -19.99 7.71
CA SER A 411 -8.53 -20.34 8.99
C SER A 411 -10.05 -20.26 8.90
N SER A 412 -10.73 -21.19 9.56
CA SER A 412 -12.18 -21.12 9.67
C SER A 412 -12.63 -20.56 11.01
N THR A 413 -11.69 -20.12 11.85
CA THR A 413 -12.01 -19.66 13.18
C THR A 413 -12.18 -18.14 13.18
N TYR A 414 -13.21 -17.66 13.89
CA TYR A 414 -13.44 -16.24 14.05
C TYR A 414 -12.80 -15.73 15.33
N ASN A 415 -12.24 -14.52 15.28
CA ASN A 415 -11.68 -13.86 16.45
C ASN A 415 -12.28 -12.48 16.53
N TYR A 416 -13.12 -12.26 17.55
CA TYR A 416 -13.67 -10.93 17.87
C TYR A 416 -12.99 -10.30 19.08
N VAL A 417 -12.20 -11.08 19.83
CA VAL A 417 -11.59 -10.60 21.07
C VAL A 417 -10.34 -9.78 20.78
N ASN A 418 -9.49 -10.25 19.89
CA ASN A 418 -8.30 -9.45 19.61
C ASN A 418 -7.76 -9.70 18.20
N PRO A 419 -8.58 -9.57 17.16
CA PRO A 419 -8.08 -9.80 15.80
C PRO A 419 -7.14 -8.69 15.35
N VAL A 420 -6.27 -9.07 14.41
CA VAL A 420 -5.37 -8.10 13.79
C VAL A 420 -6.16 -6.91 13.24
N ARG A 421 -5.57 -5.72 13.34
CA ARG A 421 -6.18 -4.48 12.87
C ARG A 421 -5.22 -3.87 11.86
N ARG A 422 -5.67 -3.68 10.61
CA ARG A 422 -4.75 -3.29 9.55
C ARG A 422 -5.56 -2.67 8.41
N ASP A 423 -4.91 -2.43 7.24
CA ASP A 423 -5.64 -1.80 6.15
C ASP A 423 -5.49 -2.49 4.80
N VAL A 424 -4.67 -3.53 4.69
CA VAL A 424 -4.56 -4.39 3.50
C VAL A 424 -4.58 -5.83 4.00
N VAL A 425 -5.46 -6.66 3.44
CA VAL A 425 -5.55 -8.03 3.92
C VAL A 425 -5.61 -8.98 2.72
N SER A 426 -4.83 -10.06 2.77
CA SER A 426 -4.98 -11.10 1.76
C SER A 426 -6.29 -11.86 1.97
N ILE A 427 -7.08 -12.02 0.89
CA ILE A 427 -8.29 -12.83 0.98
C ILE A 427 -8.04 -14.31 0.72
N GLY A 428 -6.80 -14.69 0.46
CA GLY A 428 -6.47 -16.12 0.43
C GLY A 428 -6.84 -16.76 -0.88
N ALA A 429 -7.48 -17.93 -0.78
CA ALA A 429 -7.73 -18.77 -1.94
C ALA A 429 -9.16 -19.29 -1.88
N ALA A 430 -9.52 -20.10 -2.88
CA ALA A 430 -10.81 -20.79 -2.85
C ALA A 430 -10.92 -21.60 -1.56
N GLY A 431 -12.04 -21.42 -0.86
CA GLY A 431 -12.25 -21.99 0.46
C GLY A 431 -12.04 -21.04 1.60
N ASP A 432 -11.45 -19.87 1.36
CA ASP A 432 -11.35 -18.85 2.39
C ASP A 432 -12.60 -17.97 2.38
N ASN A 433 -12.87 -17.36 3.54
CA ASN A 433 -14.01 -16.48 3.75
C ASN A 433 -13.54 -15.31 4.62
N VAL A 434 -12.52 -14.62 4.12
CA VAL A 434 -11.91 -13.53 4.88
C VAL A 434 -12.95 -12.46 5.14
N THR A 435 -13.04 -12.03 6.39
CA THR A 435 -14.10 -11.16 6.85
C THR A 435 -13.49 -10.05 7.69
N ILE A 436 -13.92 -8.81 7.45
CA ILE A 436 -13.37 -7.66 8.14
C ILE A 436 -14.51 -6.84 8.72
N ARG A 437 -14.21 -6.11 9.80
CA ARG A 437 -15.17 -5.19 10.40
C ARG A 437 -14.56 -3.81 10.56
N PHE A 438 -15.39 -2.79 10.36
CA PHE A 438 -14.97 -1.42 10.68
C PHE A 438 -16.21 -0.62 11.05
N THR A 439 -15.98 0.54 11.68
CA THR A 439 -17.04 1.46 12.04
C THR A 439 -17.06 2.63 11.06
N THR A 440 -18.26 3.06 10.66
CA THR A 440 -18.37 4.19 9.74
C THR A 440 -18.26 5.52 10.51
N ASP A 441 -17.03 5.85 10.89
CA ASP A 441 -16.71 7.07 11.62
C ASP A 441 -16.06 8.14 10.74
N ASN A 442 -16.23 8.05 9.42
CA ASN A 442 -15.44 8.89 8.52
C ASN A 442 -16.17 9.11 7.21
N PRO A 443 -16.99 10.13 7.10
CA PRO A 443 -17.80 10.31 5.87
C PRO A 443 -16.92 10.56 4.65
N GLY A 444 -17.31 9.98 3.52
CA GLY A 444 -16.63 10.22 2.27
C GLY A 444 -16.65 8.99 1.39
N PRO A 445 -16.31 9.14 0.10
CA PRO A 445 -16.21 7.99 -0.80
C PRO A 445 -14.85 7.32 -0.65
N TRP A 446 -14.86 6.08 -0.17
CA TRP A 446 -13.63 5.33 0.14
C TRP A 446 -13.52 4.11 -0.77
N PHE A 447 -12.39 4.02 -1.46
CA PHE A 447 -12.10 2.90 -2.34
C PHE A 447 -11.90 1.63 -1.53
N LEU A 448 -12.39 0.50 -2.06
CA LEU A 448 -12.04 -0.82 -1.57
C LEU A 448 -11.65 -1.65 -2.78
N HIS A 449 -10.41 -2.14 -2.82
CA HIS A 449 -9.95 -2.76 -4.05
C HIS A 449 -8.76 -3.65 -3.79
N CYS A 450 -8.54 -4.56 -4.73
CA CYS A 450 -7.31 -5.34 -4.73
C CYS A 450 -6.14 -4.41 -5.01
N HIS A 451 -5.09 -4.52 -4.19
CA HIS A 451 -3.94 -3.63 -4.37
C HIS A 451 -2.93 -4.15 -5.38
N ILE A 452 -3.21 -5.27 -6.04
CA ILE A 452 -2.43 -5.62 -7.23
C ILE A 452 -2.90 -4.65 -8.31
N ASP A 453 -2.01 -3.76 -8.76
CA ASP A 453 -2.48 -2.62 -9.53
C ASP A 453 -3.06 -3.04 -10.86
N TRP A 454 -2.54 -4.14 -11.44
CA TRP A 454 -3.05 -4.66 -12.70
C TRP A 454 -4.48 -5.13 -12.55
N HIS A 455 -4.87 -5.61 -11.38
CA HIS A 455 -6.24 -6.09 -11.17
C HIS A 455 -7.19 -4.94 -10.91
N LEU A 456 -6.73 -3.93 -10.16
CA LEU A 456 -7.50 -2.70 -10.01
C LEU A 456 -7.81 -2.10 -11.37
N GLU A 457 -6.80 -2.05 -12.24
CA GLU A 457 -6.99 -1.50 -13.59
C GLU A 457 -8.02 -2.30 -14.36
N ALA A 458 -8.10 -3.61 -14.11
CA ALA A 458 -9.04 -4.49 -14.78
C ALA A 458 -10.37 -4.57 -14.07
N GLY A 459 -10.62 -3.68 -13.10
CA GLY A 459 -11.95 -3.51 -12.53
C GLY A 459 -12.21 -4.09 -11.15
N LEU A 460 -11.19 -4.60 -10.45
CA LEU A 460 -11.41 -5.31 -9.18
C LEU A 460 -11.50 -4.30 -8.03
N ALA A 461 -12.64 -3.62 -7.95
CA ALA A 461 -12.82 -2.55 -6.98
C ALA A 461 -14.30 -2.18 -6.83
N ILE A 462 -14.62 -1.66 -5.64
CA ILE A 462 -15.88 -0.96 -5.36
C ILE A 462 -15.55 0.32 -4.59
N VAL A 463 -16.56 1.19 -4.47
CA VAL A 463 -16.45 2.39 -3.66
C VAL A 463 -17.56 2.38 -2.61
N PHE A 464 -17.19 2.60 -1.35
CA PHE A 464 -18.16 2.88 -0.30
C PHE A 464 -18.41 4.38 -0.22
N ALA A 465 -19.63 4.79 -0.52
CA ALA A 465 -20.03 6.19 -0.31
C ALA A 465 -20.55 6.24 1.12
N GLU A 466 -19.66 6.54 2.05
CA GLU A 466 -19.99 6.48 3.46
C GLU A 466 -20.62 7.80 3.89
N ASP A 467 -21.86 7.72 4.37
CA ASP A 467 -22.63 8.89 4.79
C ASP A 467 -22.70 9.97 3.70
N PRO A 468 -23.26 9.66 2.53
CA PRO A 468 -23.23 10.63 1.43
C PRO A 468 -23.92 11.94 1.76
N ALA A 469 -24.96 11.91 2.62
CA ALA A 469 -25.64 13.15 2.97
C ALA A 469 -24.73 14.12 3.69
N ASP A 470 -23.75 13.62 4.46
CA ASP A 470 -22.87 14.51 5.19
C ASP A 470 -21.63 14.92 4.40
N VAL A 471 -21.34 14.22 3.29
CA VAL A 471 -20.03 14.28 2.64
C VAL A 471 -19.64 15.70 2.26
N ALA A 472 -20.54 16.45 1.63
CA ALA A 472 -20.21 17.82 1.25
C ALA A 472 -19.82 18.66 2.47
N SER A 473 -20.59 18.55 3.56
CA SER A 473 -20.32 19.37 4.74
C SER A 473 -19.00 18.98 5.40
N ALA A 474 -18.78 17.69 5.63
CA ALA A 474 -17.59 17.27 6.37
C ALA A 474 -16.31 17.37 5.54
N ASN A 475 -16.43 17.48 4.21
CA ASN A 475 -15.25 17.43 3.34
C ASN A 475 -15.24 18.60 2.36
N PRO A 476 -15.48 19.84 2.81
CA PRO A 476 -15.64 20.96 1.88
C PRO A 476 -14.32 21.30 1.19
N PRO A 477 -14.19 21.04 -0.11
CA PRO A 477 -12.87 21.08 -0.72
C PRO A 477 -12.43 22.50 -1.03
N PRO A 478 -11.12 22.71 -1.13
CA PRO A 478 -10.61 24.05 -1.49
C PRO A 478 -10.86 24.38 -2.94
N GLU A 479 -10.79 25.68 -3.26
CA GLU A 479 -10.99 26.13 -4.63
C GLU A 479 -10.06 25.42 -5.61
N ALA A 480 -8.83 25.11 -5.20
CA ALA A 480 -7.91 24.43 -6.11
C ALA A 480 -8.47 23.07 -6.51
N TRP A 481 -9.16 22.39 -5.61
CA TRP A 481 -9.75 21.10 -5.94
C TRP A 481 -10.91 21.26 -6.93
N ASP A 482 -11.72 22.32 -6.76
CA ASP A 482 -12.81 22.59 -7.71
C ASP A 482 -12.31 22.75 -9.14
N GLN A 483 -11.07 23.21 -9.31
CA GLN A 483 -10.58 23.47 -10.66
C GLN A 483 -10.01 22.24 -11.33
N LEU A 484 -9.77 21.15 -10.59
CA LEU A 484 -9.08 20.01 -11.17
C LEU A 484 -9.89 19.39 -12.30
N CYS A 485 -11.19 19.23 -12.12
CA CYS A 485 -11.88 18.56 -13.21
C CYS A 485 -12.05 19.46 -14.42
N PRO A 486 -12.39 20.76 -14.28
CA PRO A 486 -12.40 21.61 -15.49
C PRO A 486 -11.10 21.58 -16.27
N ILE A 487 -9.95 21.60 -15.57
CA ILE A 487 -8.67 21.57 -16.29
C ILE A 487 -8.48 20.23 -16.98
N TYR A 488 -8.80 19.15 -16.27
CA TYR A 488 -8.54 17.82 -16.79
C TYR A 488 -9.43 17.52 -17.97
N ASP A 489 -10.70 17.89 -17.88
CA ASP A 489 -11.62 17.53 -18.94
C ASP A 489 -11.39 18.35 -20.19
N ALA A 490 -10.70 19.48 -20.08
CA ALA A 490 -10.33 20.27 -21.24
C ALA A 490 -9.17 19.66 -22.01
N LEU A 491 -8.49 18.67 -21.45
CA LEU A 491 -7.36 18.05 -22.15
C LEU A 491 -7.87 17.18 -23.30
N PRO A 492 -7.30 17.30 -24.50
CA PRO A 492 -7.53 16.27 -25.51
C PRO A 492 -6.78 15.00 -25.13
N PRO A 493 -7.29 13.83 -25.53
CA PRO A 493 -6.63 12.58 -25.13
C PRO A 493 -5.18 12.50 -25.56
N GLU A 494 -4.79 13.25 -26.61
CA GLU A 494 -3.41 13.25 -27.08
C GLU A 494 -2.45 13.70 -25.98
N GLN A 495 -2.92 14.55 -25.09
CA GLN A 495 -2.06 15.22 -24.11
C GLN A 495 -2.01 14.48 -22.78
N LEU A 496 -2.79 13.40 -22.62
CA LEU A 496 -2.77 12.59 -21.41
C LEU A 496 -1.48 11.76 -21.28
#